data_8DJV
#
_entry.id   8DJV
#
_cell.length_a   74.465
_cell.length_b   74.465
_cell.length_c   120.259
_cell.angle_alpha   90.000
_cell.angle_beta   90.000
_cell.angle_gamma   120.000
#
_symmetry.space_group_name_H-M   'P 62 2 2'
#
loop_
_entity.id
_entity.type
_entity.pdbx_description
1 polymer 'Polymerase acidic protein'
2 non-polymer 'MANGANESE (II) ION'
3 non-polymer 6-bromo-3-hydroxy-N-methoxy-4-oxo-1,4-dihydropyridine-2-carboxamide
4 water water
#
_entity_poly.entity_id   1
_entity_poly.type   'polypeptide(L)'
_entity_poly.pdbx_seq_one_letter_code
;MGSGSAMEDFVRQCFNPMIVELAEKAMKEYGEDPKIETNKFAAICTHLEVCFMYSDFGSGDPNALLKHRFEIIEGRDRIM
AWTVVNSICNTTGVEKPKFLPDLYDYKENRFIEIGVTRREVHIYYLEKANKIKSEKTHIHIFSFTGEEMATKADYTLDEE
SRARIKTRLFTIRQEMASRSLWDSFRQSERGE
;
_entity_poly.pdbx_strand_id   A
#
loop_
_chem_comp.id
_chem_comp.type
_chem_comp.name
_chem_comp.formula
MN non-polymer 'MANGANESE (II) ION' 'Mn 2'
U3U non-polymer 6-bromo-3-hydroxy-N-methoxy-4-oxo-1,4-dihydropyridine-2-carboxamide 'C7 H7 Br N2 O4'
#
# COMPACT_ATOMS: atom_id res chain seq x y z
N SER A 5 23.46 6.94 3.01
CA SER A 5 22.86 5.62 3.32
C SER A 5 22.60 4.84 2.03
N ALA A 6 22.76 3.51 2.11
CA ALA A 6 22.49 2.66 0.94
C ALA A 6 20.98 2.50 0.74
N MET A 7 20.19 2.68 1.80
CA MET A 7 18.71 2.55 1.70
C MET A 7 18.16 3.62 0.76
N GLU A 8 18.45 4.90 0.99
CA GLU A 8 17.97 5.91 0.05
C GLU A 8 18.43 5.61 -1.36
N ASP A 9 19.71 5.21 -1.48
CA ASP A 9 20.27 4.81 -2.76
C ASP A 9 19.46 3.66 -3.37
N PHE A 10 19.06 2.68 -2.56
CA PHE A 10 18.28 1.56 -3.10
C PHE A 10 16.86 1.99 -3.48
N VAL A 11 16.26 2.86 -2.68
CA VAL A 11 14.95 3.39 -3.02
C VAL A 11 15.00 4.04 -4.39
N ARG A 12 16.00 4.89 -4.62
CA ARG A 12 16.15 5.48 -5.93
C ARG A 12 16.73 4.52 -6.97
N GLN A 13 17.22 3.34 -6.57
CA GLN A 13 17.66 2.28 -7.50
C GLN A 13 16.51 1.44 -8.07
N CYS A 14 15.50 1.09 -7.25
CA CYS A 14 14.55 0.09 -7.69
CA CYS A 14 14.54 0.07 -7.67
C CYS A 14 13.14 0.62 -7.95
N PHE A 15 12.79 1.80 -7.44
CA PHE A 15 11.47 2.39 -7.63
C PHE A 15 11.55 3.50 -8.68
N ASN A 16 10.79 3.36 -9.76
CA ASN A 16 10.70 4.34 -10.83
C ASN A 16 10.45 5.75 -10.27
N PRO A 17 10.81 6.80 -11.01
CA PRO A 17 10.80 8.16 -10.43
C PRO A 17 9.44 8.62 -9.91
N MET A 18 8.35 8.28 -10.60
CA MET A 18 7.03 8.78 -10.20
C MET A 18 6.79 8.52 -8.71
N ILE A 19 6.97 7.26 -8.30
CA ILE A 19 6.68 6.82 -6.94
C ILE A 19 7.59 7.50 -5.92
N VAL A 20 8.88 7.63 -6.23
CA VAL A 20 9.81 8.27 -5.31
C VAL A 20 9.46 9.74 -5.10
N GLU A 21 9.10 10.44 -6.17
CA GLU A 21 8.59 11.81 -6.04
C GLU A 21 7.41 11.86 -5.06
N LEU A 22 6.38 11.04 -5.29
CA LEU A 22 5.23 11.06 -4.38
C LEU A 22 5.63 10.70 -2.95
N ALA A 23 6.60 9.78 -2.79
CA ALA A 23 6.98 9.33 -1.45
C ALA A 23 7.65 10.44 -0.67
N GLU A 24 8.55 11.19 -1.31
CA GLU A 24 9.13 12.37 -0.65
C GLU A 24 8.08 13.40 -0.30
N LYS A 25 7.08 13.60 -1.17
CA LYS A 25 6.00 14.53 -0.81
C LYS A 25 5.27 14.10 0.46
N ALA A 26 4.80 12.84 0.49
CA ALA A 26 4.12 12.34 1.69
C ALA A 26 5.05 12.34 2.90
N MET A 27 6.36 12.35 2.68
CA MET A 27 7.33 12.39 3.82
C MET A 27 7.44 13.83 4.36
N LYS A 28 7.30 14.83 3.51
CA LYS A 28 7.30 16.24 4.02
C LYS A 28 6.02 16.51 4.80
N GLU A 29 4.90 15.82 4.51
CA GLU A 29 3.59 15.95 5.24
C GLU A 29 3.69 15.42 6.69
N TYR A 30 4.89 15.19 7.19
CA TYR A 30 5.13 14.77 8.60
C TYR A 30 6.38 15.50 9.09
N GLY A 31 6.81 16.55 8.39
CA GLY A 31 8.09 17.20 8.71
C GLY A 31 9.18 16.13 8.74
N GLU A 32 9.18 15.22 7.77
CA GLU A 32 10.12 14.07 7.80
C GLU A 32 11.15 14.11 6.66
N ASP A 33 12.38 13.76 6.97
CA ASP A 33 13.46 13.72 5.97
C ASP A 33 13.64 12.29 5.48
N PRO A 34 13.44 12.01 4.19
CA PRO A 34 13.67 10.65 3.68
C PRO A 34 15.13 10.24 3.72
N LYS A 35 16.06 11.16 3.97
CA LYS A 35 17.47 10.81 4.16
C LYS A 35 17.76 10.28 5.56
N ILE A 36 16.80 10.44 6.48
CA ILE A 36 16.92 9.99 7.88
C ILE A 36 15.93 8.88 8.17
N GLU A 37 14.64 9.11 7.89
CA GLU A 37 13.60 8.08 7.95
C GLU A 37 13.57 7.36 6.60
N THR A 38 14.63 6.59 6.38
CA THR A 38 14.80 5.87 5.13
C THR A 38 14.08 4.53 5.12
N ASN A 39 13.88 3.89 6.28
CA ASN A 39 13.04 2.69 6.24
C ASN A 39 11.59 3.05 5.93
N LYS A 40 11.08 4.15 6.51
CA LYS A 40 9.80 4.70 6.06
C LYS A 40 9.83 5.09 4.60
N PHE A 41 10.93 5.71 4.13
CA PHE A 41 11.02 6.04 2.71
C PHE A 41 10.69 4.82 1.85
N ALA A 42 11.37 3.71 2.12
CA ALA A 42 11.18 2.49 1.33
C ALA A 42 9.78 1.91 1.50
N ALA A 43 9.27 1.90 2.73
CA ALA A 43 7.96 1.32 2.96
C ALA A 43 6.90 2.12 2.24
N ILE A 44 6.99 3.45 2.31
CA ILE A 44 6.07 4.30 1.57
C ILE A 44 6.15 3.99 0.08
N CYS A 45 7.37 3.83 -0.47
CA CYS A 45 7.49 3.52 -1.89
C CYS A 45 6.84 2.17 -2.21
N THR A 46 7.20 1.13 -1.44
CA THR A 46 6.67 -0.22 -1.67
C THR A 46 5.14 -0.23 -1.63
N HIS A 47 4.56 0.35 -0.59
CA HIS A 47 3.11 0.44 -0.49
C HIS A 47 2.50 1.15 -1.71
N LEU A 48 3.02 2.33 -2.05
CA LEU A 48 2.52 3.04 -3.22
C LEU A 48 2.50 2.15 -4.45
N GLU A 49 3.61 1.43 -4.66
CA GLU A 49 3.71 0.54 -5.81
C GLU A 49 2.66 -0.56 -5.75
N VAL A 50 2.41 -1.10 -4.56
CA VAL A 50 1.40 -2.15 -4.45
C VAL A 50 0.05 -1.59 -4.85
N CYS A 51 -0.29 -0.41 -4.35
CA CYS A 51 -1.57 0.17 -4.71
C CYS A 51 -1.69 0.35 -6.21
N PHE A 52 -0.59 0.76 -6.85
CA PHE A 52 -0.66 1.06 -8.29
C PHE A 52 -0.74 -0.21 -9.14
N MET A 53 -0.01 -1.25 -8.71
CA MET A 53 -0.10 -2.57 -9.32
C MET A 53 -1.52 -3.11 -9.20
N TYR A 54 -2.14 -2.95 -8.03
CA TYR A 54 -3.50 -3.49 -7.76
C TYR A 54 -4.53 -2.83 -8.68
N SER A 55 -4.53 -1.50 -8.70
CA SER A 55 -5.48 -0.72 -9.54
C SER A 55 -5.35 -1.11 -11.01
N ASP A 56 -4.14 -1.04 -11.54
CA ASP A 56 -3.95 -1.32 -12.98
C ASP A 56 -4.41 -2.74 -13.30
N PHE A 57 -4.25 -3.71 -12.40
CA PHE A 57 -4.58 -5.12 -12.77
C PHE A 57 -6.06 -5.24 -13.10
N GLY A 58 -6.92 -4.82 -12.18
CA GLY A 58 -8.35 -4.81 -12.52
C GLY A 58 -8.58 -3.92 -13.73
N LYS A 67 -13.23 0.48 -19.16
CA LYS A 67 -13.31 -0.56 -18.14
C LYS A 67 -12.11 -0.42 -17.19
N HIS A 68 -12.22 0.48 -16.22
CA HIS A 68 -11.30 0.56 -15.10
C HIS A 68 -12.04 0.06 -13.87
N ARG A 69 -11.46 -0.92 -13.18
CA ARG A 69 -12.21 -1.50 -12.08
C ARG A 69 -11.93 -0.79 -10.76
N PHE A 70 -10.72 -0.31 -10.55
CA PHE A 70 -10.32 0.36 -9.33
C PHE A 70 -10.05 1.84 -9.60
N GLU A 71 -10.36 2.66 -8.60
CA GLU A 71 -9.99 4.07 -8.54
C GLU A 71 -8.94 4.26 -7.46
N ILE A 72 -7.78 4.78 -7.84
CA ILE A 72 -6.70 4.97 -6.88
C ILE A 72 -7.02 6.19 -6.04
N ILE A 73 -7.15 6.00 -4.74
CA ILE A 73 -7.22 7.11 -3.82
C ILE A 73 -5.87 7.38 -3.15
N GLU A 74 -5.12 6.33 -2.83
CA GLU A 74 -3.73 6.47 -2.42
C GLU A 74 -2.89 7.14 -3.51
N GLY A 75 -1.90 7.92 -3.07
CA GLY A 75 -1.05 8.72 -3.92
C GLY A 75 -1.62 10.07 -4.30
N ARG A 76 -2.79 10.43 -3.80
CA ARG A 76 -3.36 11.74 -4.06
C ARG A 76 -3.06 12.67 -2.88
N ASP A 77 -3.01 13.96 -3.14
CA ASP A 77 -3.02 14.93 -2.05
C ASP A 77 -4.37 14.85 -1.34
N ARG A 78 -4.41 15.24 -0.07
CA ARG A 78 -5.60 14.92 0.70
C ARG A 78 -6.84 15.61 0.14
N ILE A 79 -6.70 16.81 -0.43
CA ILE A 79 -7.87 17.46 -1.03
C ILE A 79 -8.48 16.56 -2.11
N MET A 80 -7.66 16.11 -3.06
CA MET A 80 -8.21 15.32 -4.17
C MET A 80 -8.57 13.90 -3.74
N ALA A 81 -7.83 13.31 -2.81
CA ALA A 81 -8.20 12.02 -2.26
C ALA A 81 -9.62 12.04 -1.70
N TRP A 82 -9.91 12.99 -0.80
CA TRP A 82 -11.25 13.09 -0.25
C TRP A 82 -12.26 13.56 -1.28
N THR A 83 -11.83 14.30 -2.31
CA THR A 83 -12.78 14.66 -3.36
C THR A 83 -13.25 13.43 -4.10
N VAL A 84 -12.32 12.51 -4.40
CA VAL A 84 -12.65 11.28 -5.14
C VAL A 84 -13.47 10.34 -4.26
N VAL A 85 -13.10 10.26 -2.98
CA VAL A 85 -13.91 9.53 -2.01
C VAL A 85 -15.35 10.04 -2.02
N ASN A 86 -15.53 11.37 -1.97
CA ASN A 86 -16.86 11.93 -1.88
C ASN A 86 -17.64 11.73 -3.16
N SER A 87 -16.98 11.84 -4.32
CA SER A 87 -17.69 11.62 -5.58
C SER A 87 -18.18 10.18 -5.66
N ILE A 88 -17.32 9.22 -5.30
CA ILE A 88 -17.73 7.82 -5.28
C ILE A 88 -18.90 7.60 -4.33
N CYS A 89 -18.81 8.16 -3.13
CA CYS A 89 -19.87 7.93 -2.15
C CYS A 89 -21.20 8.48 -2.63
N ASN A 90 -21.17 9.65 -3.27
CA ASN A 90 -22.41 10.26 -3.74
C ASN A 90 -22.96 9.59 -5.00
N THR A 91 -22.12 8.97 -5.84
CA THR A 91 -22.75 8.33 -6.99
C THR A 91 -23.03 6.84 -6.80
N THR A 92 -22.44 6.20 -5.79
CA THR A 92 -22.84 4.82 -5.51
C THR A 92 -23.61 4.67 -4.20
N GLY A 93 -23.41 5.55 -3.24
CA GLY A 93 -24.04 5.41 -1.95
C GLY A 93 -23.24 4.68 -0.88
N VAL A 94 -22.04 4.17 -1.21
CA VAL A 94 -21.19 3.61 -0.16
C VAL A 94 -20.99 4.62 0.96
N GLU A 95 -20.90 4.12 2.18
CA GLU A 95 -20.74 4.93 3.38
C GLU A 95 -19.37 5.60 3.40
N LYS A 96 -19.33 6.87 3.80
CA LYS A 96 -18.09 7.61 3.88
C LYS A 96 -17.12 7.00 4.90
N PRO A 97 -16.00 6.46 4.44
CA PRO A 97 -15.02 5.92 5.39
C PRO A 97 -14.54 7.00 6.35
N LYS A 98 -14.26 6.59 7.59
CA LYS A 98 -13.65 7.53 8.52
C LYS A 98 -12.23 7.91 8.10
N PHE A 99 -11.47 6.97 7.56
CA PHE A 99 -10.10 7.22 7.11
C PHE A 99 -9.99 7.02 5.60
N LEU A 100 -9.09 7.78 5.01
CA LEU A 100 -8.82 7.70 3.58
C LEU A 100 -8.35 6.30 3.21
N PRO A 101 -9.02 5.60 2.29
CA PRO A 101 -8.58 4.24 1.95
C PRO A 101 -7.66 4.29 0.76
N ASP A 102 -7.32 3.13 0.19
CA ASP A 102 -6.34 3.08 -0.89
C ASP A 102 -6.98 2.95 -2.26
N LEU A 103 -7.99 2.11 -2.42
CA LEU A 103 -8.68 1.98 -3.70
C LEU A 103 -10.17 1.97 -3.48
N TYR A 104 -10.89 2.25 -4.56
CA TYR A 104 -12.28 1.85 -4.65
C TYR A 104 -12.46 0.83 -5.75
N ASP A 105 -13.15 -0.25 -5.42
CA ASP A 105 -13.45 -1.38 -6.29
C ASP A 105 -14.87 -1.15 -6.81
N TYR A 106 -14.96 -0.74 -8.08
CA TYR A 106 -16.25 -0.43 -8.69
C TYR A 106 -17.06 -1.68 -9.01
N LYS A 107 -16.39 -2.84 -9.03
CA LYS A 107 -17.02 -4.13 -9.31
C LYS A 107 -17.68 -4.73 -8.09
N GLU A 108 -16.93 -4.91 -7.01
CA GLU A 108 -17.62 -5.28 -5.79
C GLU A 108 -18.26 -4.09 -5.11
N ASN A 109 -17.92 -2.86 -5.54
CA ASN A 109 -18.51 -1.65 -4.98
C ASN A 109 -18.11 -1.49 -3.53
N ARG A 110 -16.81 -1.47 -3.24
CA ARG A 110 -16.35 -1.33 -1.86
C ARG A 110 -15.04 -0.57 -1.85
N PHE A 111 -14.65 -0.09 -0.67
CA PHE A 111 -13.35 0.50 -0.52
C PHE A 111 -12.38 -0.57 -0.07
N ILE A 112 -11.15 -0.48 -0.55
CA ILE A 112 -10.09 -1.41 -0.20
C ILE A 112 -8.99 -0.65 0.50
N GLU A 113 -8.50 -1.23 1.59
CA GLU A 113 -7.34 -0.76 2.31
C GLU A 113 -6.21 -1.75 2.08
N ILE A 114 -5.15 -1.30 1.38
CA ILE A 114 -4.02 -2.18 1.09
C ILE A 114 -3.05 -2.12 2.26
N GLY A 115 -2.67 -3.29 2.77
CA GLY A 115 -1.65 -3.39 3.79
C GLY A 115 -0.45 -4.16 3.26
N VAL A 116 0.74 -3.59 3.47
CA VAL A 116 1.99 -4.27 3.15
C VAL A 116 2.81 -4.34 4.43
N THR A 117 3.17 -5.55 4.83
CA THR A 117 3.76 -5.70 6.14
C THR A 117 5.02 -6.56 6.07
N ARG A 118 5.93 -6.26 6.97
CA ARG A 118 7.08 -7.12 7.23
C ARG A 118 6.82 -8.08 8.37
N ARG A 119 5.64 -8.05 8.96
CA ARG A 119 5.24 -8.96 10.02
C ARG A 119 4.29 -10.01 9.47
N GLU A 120 3.78 -10.85 10.37
CA GLU A 120 2.84 -11.86 9.90
C GLU A 120 1.60 -11.15 9.38
N VAL A 121 0.94 -11.76 8.40
CA VAL A 121 -0.20 -11.09 7.77
C VAL A 121 -1.36 -11.03 8.74
N HIS A 122 -1.57 -12.08 9.52
CA HIS A 122 -2.70 -12.10 10.44
C HIS A 122 -2.60 -10.95 11.43
N ILE A 123 -1.37 -10.62 11.85
CA ILE A 123 -1.15 -9.59 12.86
C ILE A 123 -1.45 -8.19 12.32
N TYR A 124 -0.81 -7.83 11.20
CA TYR A 124 -1.08 -6.53 10.61
C TYR A 124 -2.53 -6.43 10.14
N TYR A 125 -3.15 -7.58 9.84
CA TYR A 125 -4.56 -7.58 9.52
C TYR A 125 -5.37 -7.17 10.73
N LEU A 126 -5.17 -7.86 11.87
CA LEU A 126 -5.91 -7.47 13.06
C LEU A 126 -5.65 -6.01 13.37
N GLU A 127 -4.45 -5.53 13.08
CA GLU A 127 -4.09 -4.15 13.36
C GLU A 127 -4.91 -3.17 12.53
N LYS A 128 -4.89 -3.33 11.21
CA LYS A 128 -5.71 -2.48 10.34
C LYS A 128 -7.17 -2.60 10.68
N ALA A 129 -7.67 -3.83 10.89
CA ALA A 129 -9.07 -4.07 11.12
C ALA A 129 -9.55 -3.37 12.38
N ASN A 130 -8.82 -3.55 13.49
CA ASN A 130 -9.10 -2.87 14.74
C ASN A 130 -8.98 -1.36 14.60
N LYS A 131 -8.13 -0.88 13.70
CA LYS A 131 -8.04 0.56 13.47
C LYS A 131 -9.25 1.10 12.70
N ILE A 132 -9.70 0.38 11.66
CA ILE A 132 -10.75 0.93 10.79
C ILE A 132 -12.13 0.73 11.41
N LYS A 133 -12.35 -0.40 12.08
CA LYS A 133 -13.58 -0.64 12.84
C LYS A 133 -14.84 -0.33 12.02
N SER A 134 -14.72 -0.45 10.69
CA SER A 134 -15.87 -0.37 9.78
C SER A 134 -15.72 -1.50 8.76
N GLU A 135 -16.39 -2.62 9.04
CA GLU A 135 -16.29 -3.84 8.23
C GLU A 135 -16.81 -3.63 6.81
N LYS A 136 -17.12 -2.37 6.45
CA LYS A 136 -17.43 -1.99 5.09
C LYS A 136 -16.22 -1.61 4.24
N THR A 137 -15.02 -1.42 4.81
CA THR A 137 -13.81 -1.29 4.01
C THR A 137 -13.08 -2.63 3.98
N HIS A 138 -12.87 -3.16 2.79
CA HIS A 138 -12.18 -4.42 2.62
C HIS A 138 -10.69 -4.23 2.88
N ILE A 139 -10.11 -5.19 3.58
CA ILE A 139 -8.69 -5.20 3.88
C ILE A 139 -8.04 -6.34 3.12
N HIS A 140 -6.89 -6.02 2.50
CA HIS A 140 -6.04 -7.00 1.81
C HIS A 140 -4.62 -6.68 2.24
N ILE A 141 -4.01 -7.63 2.94
CA ILE A 141 -2.67 -7.53 3.50
C ILE A 141 -1.75 -8.39 2.66
N PHE A 142 -0.57 -7.85 2.36
CA PHE A 142 0.45 -8.55 1.60
C PHE A 142 1.71 -8.52 2.43
N SER A 143 2.40 -9.65 2.50
CA SER A 143 3.69 -9.70 3.15
C SER A 143 4.78 -9.75 2.08
N PHE A 144 6.03 -9.73 2.51
CA PHE A 144 7.14 -9.90 1.57
C PHE A 144 7.47 -11.37 1.36
N THR A 145 6.61 -12.28 1.82
CA THR A 145 6.80 -13.72 1.80
C THR A 145 5.75 -14.45 0.96
N GLY A 146 5.11 -13.77 0.02
CA GLY A 146 4.08 -14.45 -0.74
C GLY A 146 2.84 -14.80 0.05
N GLU A 147 2.69 -14.29 1.25
CA GLU A 147 1.48 -14.52 2.04
C GLU A 147 0.52 -13.35 1.89
N GLU A 148 -0.77 -13.66 1.93
CA GLU A 148 -1.77 -12.61 1.89
C GLU A 148 -2.89 -12.99 2.84
N MET A 149 -3.46 -11.97 3.49
CA MET A 149 -4.73 -12.11 4.22
C MET A 149 -5.69 -11.06 3.69
N ALA A 150 -6.99 -11.31 3.89
CA ALA A 150 -8.00 -10.44 3.29
C ALA A 150 -9.38 -10.69 3.89
N THR A 151 -10.08 -9.61 4.25
CA THR A 151 -11.44 -9.69 4.79
C THR A 151 -12.26 -10.77 4.10
N LYS A 152 -12.88 -11.63 4.91
CA LYS A 152 -13.66 -12.79 4.43
C LYS A 152 -12.87 -13.64 3.43
N ALA A 153 -11.54 -13.54 3.41
CA ALA A 153 -10.72 -14.28 2.46
C ALA A 153 -11.17 -14.04 1.02
N ASP A 154 -11.80 -12.89 0.78
CA ASP A 154 -12.06 -12.39 -0.58
C ASP A 154 -10.86 -11.58 -1.05
N TYR A 155 -10.12 -12.11 -2.03
CA TYR A 155 -8.91 -11.49 -2.49
C TYR A 155 -9.10 -10.62 -3.73
N THR A 156 -10.35 -10.47 -4.21
CA THR A 156 -10.68 -9.45 -5.22
C THR A 156 -10.02 -9.67 -6.58
N LEU A 157 -8.69 -9.71 -6.61
CA LEU A 157 -7.96 -9.86 -7.87
C LEU A 157 -7.93 -11.32 -8.30
N ASP A 158 -7.78 -11.52 -9.61
CA ASP A 158 -7.48 -12.84 -10.13
C ASP A 158 -6.12 -13.33 -9.59
N GLU A 159 -5.99 -14.65 -9.49
CA GLU A 159 -4.76 -15.23 -8.94
C GLU A 159 -3.52 -14.65 -9.59
N GLU A 160 -3.56 -14.44 -10.91
CA GLU A 160 -2.35 -14.00 -11.59
C GLU A 160 -1.91 -12.64 -11.07
N SER A 161 -2.86 -11.73 -10.89
CA SER A 161 -2.54 -10.36 -10.50
C SER A 161 -1.90 -10.33 -9.13
N ARG A 162 -2.30 -11.29 -8.29
CA ARG A 162 -1.78 -11.40 -6.96
C ARG A 162 -0.39 -12.04 -6.97
N ALA A 163 -0.20 -13.06 -7.81
CA ALA A 163 1.15 -13.53 -8.13
C ALA A 163 2.06 -12.34 -8.41
N ARG A 164 1.56 -11.40 -9.20
CA ARG A 164 2.43 -10.32 -9.65
C ARG A 164 2.81 -9.39 -8.50
N ILE A 165 1.84 -9.01 -7.66
CA ILE A 165 2.21 -8.20 -6.49
C ILE A 165 3.20 -8.96 -5.60
N LYS A 166 2.96 -10.26 -5.37
CA LYS A 166 3.75 -10.95 -4.37
C LYS A 166 5.20 -11.12 -4.86
N THR A 167 5.35 -11.45 -6.16
CA THR A 167 6.66 -11.46 -6.79
C THR A 167 7.36 -10.12 -6.66
N ARG A 168 6.64 -9.01 -6.92
CA ARG A 168 7.30 -7.72 -6.78
C ARG A 168 7.76 -7.44 -5.35
N LEU A 169 6.93 -7.82 -4.35
CA LEU A 169 7.30 -7.58 -2.95
C LEU A 169 8.52 -8.40 -2.56
N PHE A 170 8.50 -9.69 -2.90
CA PHE A 170 9.61 -10.59 -2.65
C PHE A 170 10.87 -10.14 -3.39
N THR A 171 10.68 -9.41 -4.49
CA THR A 171 11.86 -8.92 -5.19
C THR A 171 12.48 -7.75 -4.44
N ILE A 172 11.66 -6.82 -3.97
CA ILE A 172 12.21 -5.77 -3.10
C ILE A 172 12.89 -6.39 -1.88
N ARG A 173 12.26 -7.40 -1.28
CA ARG A 173 12.89 -8.05 -0.13
C ARG A 173 14.26 -8.64 -0.47
N GLN A 174 14.34 -9.43 -1.54
CA GLN A 174 15.64 -10.02 -1.85
C GLN A 174 16.66 -8.96 -2.25
N GLU A 175 16.22 -7.86 -2.87
CA GLU A 175 17.16 -6.85 -3.34
C GLU A 175 17.72 -6.06 -2.19
N MET A 176 16.90 -5.85 -1.17
CA MET A 176 17.36 -5.26 0.07
C MET A 176 18.32 -6.19 0.79
N ALA A 177 18.05 -7.49 0.77
CA ALA A 177 18.91 -8.42 1.48
C ALA A 177 20.24 -8.60 0.76
N SER A 178 20.26 -8.51 -0.58
CA SER A 178 21.54 -8.51 -1.27
C SER A 178 22.36 -7.29 -0.91
N ARG A 179 21.74 -6.20 -0.45
CA ARG A 179 22.47 -5.02 -0.01
C ARG A 179 22.62 -4.98 1.50
N SER A 180 22.18 -6.02 2.20
CA SER A 180 22.30 -6.13 3.66
C SER A 180 21.42 -5.09 4.36
N LEU A 181 20.24 -4.82 3.76
CA LEU A 181 19.30 -3.80 4.21
C LEU A 181 17.98 -4.39 4.68
N TRP A 182 17.79 -5.72 4.56
CA TRP A 182 16.51 -6.33 4.91
C TRP A 182 16.36 -6.54 6.40
N ASP A 183 17.44 -6.89 7.13
CA ASP A 183 17.32 -7.06 8.57
C ASP A 183 16.87 -5.76 9.25
N SER A 184 17.47 -4.64 8.84
CA SER A 184 17.03 -3.34 9.32
C SER A 184 15.56 -3.12 8.98
N PHE A 185 15.20 -3.39 7.72
CA PHE A 185 13.86 -3.08 7.21
C PHE A 185 12.78 -3.92 7.88
N ARG A 186 13.00 -5.24 8.01
CA ARG A 186 11.99 -6.05 8.68
C ARG A 186 11.94 -5.74 10.15
N GLN A 187 13.08 -5.34 10.73
CA GLN A 187 13.07 -4.95 12.14
C GLN A 187 12.62 -3.51 12.35
N SER A 188 11.91 -2.93 11.40
CA SER A 188 11.26 -1.65 11.59
C SER A 188 9.77 -1.79 11.34
N GLU A 189 8.96 -1.11 12.13
CA GLU A 189 7.52 -1.12 11.92
C GLU A 189 6.99 0.25 11.49
N ARG A 190 7.83 1.09 10.88
CA ARG A 190 7.35 2.29 10.21
C ARG A 190 7.12 2.07 8.72
N GLY A 191 6.27 2.93 8.17
CA GLY A 191 5.73 2.70 6.86
C GLY A 191 4.52 1.82 7.02
N GLU A 192 4.43 1.11 8.18
CA GLU A 192 3.25 0.32 8.56
C GLU A 192 2.39 1.11 9.54
MN MN B . -2.75 1.13 2.98
MN MN C . -3.45 4.74 2.31
C10 U3U D . 0.26 3.75 6.51
C13 U3U D . -0.99 2.23 4.81
C12 U3U D . -0.03 2.36 5.93
C02 U3U D . -1.67 3.42 4.27
C03 U3U D . -1.37 4.82 4.85
C04 U3U D . -2.04 6.10 4.33
C07 U3U D . -1.40 9.58 4.32
N05 U3U D . -1.77 7.39 4.94
N09 U3U D . -0.41 4.95 5.97
O01 U3U D . -2.56 3.20 3.21
O06 U3U D . -2.37 8.58 4.45
O08 U3U D . -2.78 6.03 3.42
O14 U3U D . -1.24 1.16 4.34
BR11 U3U D . 1.51 3.93 7.99
H121 U3U D . 0.46 1.48 6.33
H072 U3U D . -1.78 10.51 4.74
H073 U3U D . -1.18 9.74 3.26
H071 U3U D . -0.50 9.29 4.83
H051 U3U D . -1.15 7.44 5.72
#